data_2LWB
#
_entry.id   2LWB
#
_cell.length_a   1.000
_cell.length_b   1.000
_cell.length_c   1.000
_cell.angle_alpha   90.00
_cell.angle_beta   90.00
_cell.angle_gamma   90.00
#
_symmetry.space_group_name_H-M   'P 1'
#
_entity_poly.entity_id   1
_entity_poly.type   'polypeptide(L)'
_entity_poly.pdbx_seq_one_letter_code
;NCDWDKSHEKYDWELWDKWC
;
_entity_poly.pdbx_strand_id   A
#
# COMPACT_ATOMS: atom_id res chain seq x y z
N ASN A 1 -6.08 -3.20 5.43
CA ASN A 1 -5.87 -1.80 5.75
C ASN A 1 -6.52 -0.90 4.70
N CYS A 2 -5.91 -0.85 3.53
CA CYS A 2 -6.42 -0.02 2.43
C CYS A 2 -6.67 1.41 2.91
N ASP A 3 -5.91 1.85 3.90
CA ASP A 3 -6.04 3.20 4.44
C ASP A 3 -4.77 4.00 4.21
N TRP A 4 -3.81 3.40 3.51
CA TRP A 4 -2.55 4.07 3.22
C TRP A 4 -1.93 3.52 1.94
N ASP A 5 -1.13 4.36 1.28
CA ASP A 5 -0.48 3.96 0.03
C ASP A 5 0.78 4.79 -0.21
N LYS A 6 1.81 4.15 -0.74
CA LYS A 6 3.07 4.83 -1.03
C LYS A 6 3.51 5.68 0.16
N SER A 7 3.65 5.04 1.32
CA SER A 7 4.06 5.75 2.53
C SER A 7 4.16 4.77 3.72
N HIS A 8 3.29 3.77 3.72
CA HIS A 8 3.27 2.78 4.79
C HIS A 8 4.56 1.95 4.78
N GLU A 9 4.98 1.51 5.96
CA GLU A 9 6.20 0.72 6.08
C GLU A 9 6.03 -0.63 5.39
N LYS A 10 4.79 -1.09 5.29
CA LYS A 10 4.49 -2.37 4.66
C LYS A 10 3.92 -2.16 3.25
N TYR A 11 3.71 -0.90 2.89
CA TYR A 11 3.17 -0.56 1.58
C TYR A 11 3.99 -1.21 0.47
N ASP A 12 3.32 -1.57 -0.62
CA ASP A 12 3.99 -2.20 -1.75
C ASP A 12 3.66 -1.46 -3.05
N TRP A 13 4.68 -1.23 -3.87
CA TRP A 13 4.50 -0.53 -5.14
C TRP A 13 3.49 -1.27 -6.03
N GLU A 14 3.86 -2.47 -6.45
CA GLU A 14 2.99 -3.27 -7.30
C GLU A 14 1.76 -3.76 -6.53
N LEU A 15 2.01 -4.33 -5.35
CA LEU A 15 0.92 -4.83 -4.51
C LEU A 15 -0.04 -3.71 -4.13
N TRP A 16 0.39 -2.48 -4.34
CA TRP A 16 -0.43 -1.31 -4.02
C TRP A 16 -1.89 -1.55 -4.44
N ASP A 17 -2.07 -2.23 -5.57
CA ASP A 17 -3.40 -2.52 -6.08
C ASP A 17 -4.32 -3.01 -4.96
N LYS A 18 -3.79 -3.86 -4.10
CA LYS A 18 -4.56 -4.41 -2.99
C LYS A 18 -4.16 -3.73 -1.68
N TRP A 19 -3.03 -3.05 -1.69
CA TRP A 19 -2.54 -2.36 -0.50
C TRP A 19 -2.94 -0.89 -0.51
N CYS A 20 -4.02 -0.59 -1.23
CA CYS A 20 -4.52 0.79 -1.33
C CYS A 20 -4.54 1.46 0.04
N ASN A 1 -5.92 -2.66 6.23
CA ASN A 1 -5.66 -1.23 6.44
C ASN A 1 -6.38 -0.39 5.38
N CYS A 2 -5.84 -0.38 4.18
CA CYS A 2 -6.41 0.38 3.08
C CYS A 2 -6.61 1.84 3.48
N ASP A 3 -5.81 2.30 4.42
CA ASP A 3 -5.89 3.68 4.88
C ASP A 3 -4.61 4.45 4.58
N TRP A 4 -3.72 3.82 3.82
CA TRP A 4 -2.45 4.43 3.45
C TRP A 4 -1.90 3.82 2.17
N ASP A 5 -1.11 4.60 1.45
CA ASP A 5 -0.52 4.15 0.19
C ASP A 5 0.75 4.92 -0.12
N LYS A 6 1.73 4.24 -0.70
CA LYS A 6 3.00 4.86 -1.06
C LYS A 6 3.55 5.69 0.10
N SER A 7 3.72 5.05 1.26
CA SER A 7 4.22 5.73 2.44
C SER A 7 4.32 4.77 3.62
N HIS A 8 3.39 3.81 3.66
CA HIS A 8 3.36 2.82 4.74
C HIS A 8 4.60 1.92 4.69
N GLU A 9 4.99 1.40 5.84
CA GLU A 9 6.15 0.52 5.93
C GLU A 9 5.89 -0.80 5.23
N LYS A 10 4.64 -1.24 5.24
CA LYS A 10 4.25 -2.49 4.61
C LYS A 10 3.71 -2.25 3.20
N TYR A 11 3.58 -0.98 2.84
CA TYR A 11 3.06 -0.61 1.52
C TYR A 11 3.90 -1.25 0.42
N ASP A 12 3.24 -1.60 -0.68
CA ASP A 12 3.92 -2.22 -1.80
C ASP A 12 3.61 -1.48 -3.10
N TRP A 13 4.64 -1.18 -3.88
CA TRP A 13 4.47 -0.48 -5.15
C TRP A 13 3.52 -1.24 -6.07
N GLU A 14 3.95 -2.43 -6.50
CA GLU A 14 3.14 -3.25 -7.38
C GLU A 14 1.92 -3.81 -6.65
N LEU A 15 2.16 -4.42 -5.49
CA LEU A 15 1.09 -5.00 -4.69
C LEU A 15 0.05 -3.94 -4.34
N TRP A 16 0.42 -2.68 -4.48
CA TRP A 16 -0.48 -1.57 -4.17
C TRP A 16 -1.87 -1.85 -4.71
N ASP A 17 -1.94 -2.52 -5.86
CA ASP A 17 -3.23 -2.85 -6.48
C ASP A 17 -4.20 -3.39 -5.44
N LYS A 18 -3.69 -4.20 -4.52
CA LYS A 18 -4.52 -4.80 -3.47
C LYS A 18 -4.29 -4.09 -2.14
N TRP A 19 -3.14 -3.43 -2.02
CA TRP A 19 -2.81 -2.72 -0.79
C TRP A 19 -3.34 -1.28 -0.82
N CYS A 20 -4.18 -0.99 -1.81
CA CYS A 20 -4.75 0.34 -1.96
C CYS A 20 -3.66 1.38 -2.15
N ASN A 1 -6.42 -2.49 5.93
CA ASN A 1 -5.95 -1.14 6.20
C ASN A 1 -6.60 -0.13 5.27
N CYS A 2 -6.13 -0.09 4.03
CA CYS A 2 -6.67 0.83 3.03
C CYS A 2 -6.77 2.24 3.59
N ASP A 3 -5.83 2.59 4.47
CA ASP A 3 -5.82 3.91 5.08
C ASP A 3 -4.52 4.65 4.74
N TRP A 4 -3.67 4.00 3.97
CA TRP A 4 -2.39 4.59 3.57
C TRP A 4 -1.86 3.94 2.30
N ASP A 5 -1.08 4.71 1.54
CA ASP A 5 -0.51 4.20 0.29
C ASP A 5 0.77 4.97 -0.06
N LYS A 6 1.72 4.26 -0.67
CA LYS A 6 2.98 4.86 -1.06
C LYS A 6 3.58 5.68 0.09
N SER A 7 3.74 5.04 1.24
CA SER A 7 4.30 5.70 2.41
C SER A 7 4.37 4.73 3.59
N HIS A 8 3.42 3.80 3.65
CA HIS A 8 3.39 2.82 4.73
C HIS A 8 4.61 1.91 4.68
N GLU A 9 4.98 1.38 5.85
CA GLU A 9 6.13 0.49 5.93
C GLU A 9 5.86 -0.84 5.23
N LYS A 10 4.61 -1.26 5.25
CA LYS A 10 4.21 -2.51 4.61
C LYS A 10 3.67 -2.26 3.20
N TYR A 11 3.55 -0.99 2.84
CA TYR A 11 3.06 -0.61 1.52
C TYR A 11 3.90 -1.24 0.42
N ASP A 12 3.25 -1.59 -0.68
CA ASP A 12 3.94 -2.20 -1.82
C ASP A 12 3.62 -1.47 -3.11
N TRP A 13 4.66 -1.16 -3.88
CA TRP A 13 4.48 -0.45 -5.15
C TRP A 13 3.56 -1.23 -6.08
N GLU A 14 4.01 -2.41 -6.50
CA GLU A 14 3.21 -3.25 -7.40
C GLU A 14 2.00 -3.82 -6.67
N LEU A 15 2.24 -4.42 -5.52
CA LEU A 15 1.17 -5.02 -4.73
C LEU A 15 0.11 -3.98 -4.37
N TRP A 16 0.47 -2.70 -4.51
CA TRP A 16 -0.46 -1.61 -4.22
C TRP A 16 -1.84 -1.91 -4.76
N ASP A 17 -1.89 -2.57 -5.92
CA ASP A 17 -3.16 -2.92 -6.54
C ASP A 17 -4.13 -3.50 -5.53
N LYS A 18 -3.62 -4.33 -4.63
CA LYS A 18 -4.43 -4.95 -3.60
C LYS A 18 -4.22 -4.27 -2.24
N TRP A 19 -3.12 -3.54 -2.12
CA TRP A 19 -2.80 -2.84 -0.88
C TRP A 19 -3.35 -1.42 -0.91
N CYS A 20 -4.24 -1.15 -1.85
CA CYS A 20 -4.84 0.18 -2.00
C CYS A 20 -3.78 1.21 -2.35
N ASN A 1 -5.93 -2.51 5.96
CA ASN A 1 -5.76 -1.11 6.33
C ASN A 1 -6.48 -0.20 5.34
N CYS A 2 -5.98 -0.17 4.10
CA CYS A 2 -6.56 0.65 3.06
C CYS A 2 -6.72 2.09 3.53
N ASP A 3 -5.84 2.52 4.43
CA ASP A 3 -5.88 3.87 4.97
C ASP A 3 -4.60 4.62 4.64
N TRP A 4 -3.71 3.98 3.89
CA TRP A 4 -2.44 4.58 3.51
C TRP A 4 -1.89 3.93 2.24
N ASP A 5 -1.10 4.69 1.49
CA ASP A 5 -0.51 4.19 0.26
C ASP A 5 0.76 4.96 -0.09
N LYS A 6 1.73 4.27 -0.69
CA LYS A 6 2.99 4.87 -1.06
C LYS A 6 3.57 5.69 0.09
N SER A 7 3.73 5.05 1.25
CA SER A 7 4.26 5.71 2.43
C SER A 7 4.33 4.75 3.61
N HIS A 8 3.39 3.82 3.66
CA HIS A 8 3.33 2.84 4.73
C HIS A 8 4.56 1.93 4.70
N GLU A 9 4.93 1.40 5.86
CA GLU A 9 6.09 0.52 5.97
C GLU A 9 5.83 -0.81 5.26
N LYS A 10 4.57 -1.24 5.27
CA LYS A 10 4.19 -2.49 4.63
C LYS A 10 3.66 -2.24 3.23
N TYR A 11 3.54 -0.97 2.86
CA TYR A 11 3.06 -0.60 1.53
C TYR A 11 3.91 -1.23 0.43
N ASP A 12 3.26 -1.59 -0.67
CA ASP A 12 3.96 -2.20 -1.79
C ASP A 12 3.65 -1.47 -3.10
N TRP A 13 4.70 -1.16 -3.85
CA TRP A 13 4.53 -0.46 -5.13
C TRP A 13 3.60 -1.24 -6.07
N GLU A 14 4.06 -2.41 -6.48
CA GLU A 14 3.28 -3.25 -7.38
C GLU A 14 2.05 -3.83 -6.66
N LEU A 15 2.30 -4.43 -5.50
CA LEU A 15 1.21 -5.03 -4.72
C LEU A 15 0.15 -3.98 -4.38
N TRP A 16 0.51 -2.72 -4.52
CA TRP A 16 -0.41 -1.62 -4.22
C TRP A 16 -1.80 -1.93 -4.78
N ASP A 17 -1.84 -2.59 -5.94
CA ASP A 17 -3.10 -2.94 -6.57
C ASP A 17 -4.09 -3.51 -5.55
N LYS A 18 -3.57 -4.35 -4.65
CA LYS A 18 -4.40 -4.97 -3.62
C LYS A 18 -4.20 -4.29 -2.28
N TRP A 19 -3.09 -3.56 -2.15
CA TRP A 19 -2.79 -2.85 -0.91
C TRP A 19 -3.34 -1.43 -0.94
N CYS A 20 -4.22 -1.17 -1.90
CA CYS A 20 -4.83 0.16 -2.04
C CYS A 20 -3.78 1.20 -2.38
N ASN A 1 -5.45 -3.02 5.09
CA ASN A 1 -4.79 -1.73 4.91
C ASN A 1 -5.38 -0.99 3.71
N CYS A 2 -6.04 0.14 3.99
CA CYS A 2 -6.65 0.93 2.94
C CYS A 2 -6.76 2.40 3.36
N ASP A 3 -5.95 2.78 4.34
CA ASP A 3 -5.95 4.16 4.84
C ASP A 3 -4.65 4.86 4.49
N TRP A 4 -3.67 4.10 4.01
CA TRP A 4 -2.38 4.65 3.63
C TRP A 4 -1.86 4.00 2.35
N ASP A 5 -1.07 4.76 1.59
CA ASP A 5 -0.50 4.26 0.34
C ASP A 5 0.77 5.01 -0.01
N LYS A 6 1.72 4.29 -0.61
CA LYS A 6 3.00 4.90 -1.00
C LYS A 6 3.59 5.71 0.14
N SER A 7 3.76 5.06 1.29
CA SER A 7 4.33 5.72 2.46
C SER A 7 4.40 4.77 3.65
N HIS A 8 3.45 3.84 3.71
CA HIS A 8 3.40 2.85 4.78
C HIS A 8 4.62 1.95 4.74
N GLU A 9 4.99 1.40 5.89
CA GLU A 9 6.13 0.51 5.99
C GLU A 9 5.85 -0.81 5.28
N LYS A 10 4.59 -1.24 5.31
CA LYS A 10 4.18 -2.49 4.68
C LYS A 10 3.65 -2.23 3.27
N TYR A 11 3.54 -0.96 2.91
CA TYR A 11 3.04 -0.58 1.60
C TYR A 11 3.87 -1.23 0.49
N ASP A 12 3.23 -1.57 -0.61
CA ASP A 12 3.90 -2.19 -1.75
C ASP A 12 3.59 -1.45 -3.05
N TRP A 13 4.63 -1.15 -3.81
CA TRP A 13 4.46 -0.44 -5.08
C TRP A 13 3.53 -1.21 -6.02
N GLU A 14 3.97 -2.39 -6.43
CA GLU A 14 3.18 -3.22 -7.33
C GLU A 14 1.97 -3.80 -6.61
N LEU A 15 2.21 -4.41 -5.45
CA LEU A 15 1.13 -5.00 -4.66
C LEU A 15 0.07 -3.95 -4.33
N TRP A 16 0.43 -2.69 -4.46
CA TRP A 16 -0.50 -1.59 -4.16
C TRP A 16 -1.88 -1.89 -4.72
N ASP A 17 -1.92 -2.54 -5.88
CA ASP A 17 -3.18 -2.89 -6.51
C ASP A 17 -4.18 -3.46 -5.50
N LYS A 18 -3.66 -4.28 -4.59
CA LYS A 18 -4.50 -4.89 -3.56
C LYS A 18 -4.28 -4.21 -2.22
N TRP A 19 -3.17 -3.50 -2.08
CA TRP A 19 -2.86 -2.81 -0.84
C TRP A 19 -3.41 -1.38 -0.86
N CYS A 20 -4.27 -1.10 -1.83
CA CYS A 20 -4.87 0.22 -1.96
C CYS A 20 -3.80 1.28 -2.26
N ASN A 1 -5.43 -3.02 5.13
CA ASN A 1 -4.78 -1.73 4.94
C ASN A 1 -5.38 -0.99 3.74
N CYS A 2 -6.04 0.13 4.02
CA CYS A 2 -6.65 0.94 2.97
C CYS A 2 -6.76 2.40 3.39
N ASP A 3 -5.94 2.78 4.37
CA ASP A 3 -5.94 4.16 4.86
C ASP A 3 -4.64 4.86 4.50
N TRP A 4 -3.66 4.10 4.01
CA TRP A 4 -2.37 4.65 3.62
C TRP A 4 -1.86 4.00 2.34
N ASP A 5 -1.08 4.76 1.58
CA ASP A 5 -0.52 4.25 0.33
C ASP A 5 0.75 5.00 -0.04
N LYS A 6 1.70 4.29 -0.65
CA LYS A 6 2.97 4.88 -1.05
C LYS A 6 3.57 5.70 0.09
N SER A 7 3.75 5.06 1.24
CA SER A 7 4.32 5.73 2.41
C SER A 7 4.39 4.77 3.59
N HIS A 8 3.45 3.84 3.67
CA HIS A 8 3.41 2.86 4.75
C HIS A 8 4.63 1.95 4.70
N GLU A 9 5.01 1.41 5.85
CA GLU A 9 6.16 0.52 5.94
C GLU A 9 5.87 -0.81 5.24
N LYS A 10 4.60 -1.23 5.28
CA LYS A 10 4.20 -2.48 4.65
C LYS A 10 3.65 -2.23 3.25
N TYR A 11 3.54 -0.96 2.88
CA TYR A 11 3.03 -0.59 1.57
C TYR A 11 3.86 -1.24 0.46
N ASP A 12 3.20 -1.58 -0.64
CA ASP A 12 3.88 -2.20 -1.77
C ASP A 12 3.54 -1.48 -3.07
N TRP A 13 4.59 -1.17 -3.85
CA TRP A 13 4.40 -0.47 -5.11
C TRP A 13 3.47 -1.24 -6.04
N GLU A 14 3.91 -2.42 -6.45
CA GLU A 14 3.11 -3.27 -7.34
C GLU A 14 1.90 -3.83 -6.61
N LEU A 15 2.14 -4.43 -5.46
CA LEU A 15 1.08 -5.02 -4.66
C LEU A 15 0.02 -3.98 -4.31
N TRP A 16 0.38 -2.70 -4.45
CA TRP A 16 -0.53 -1.62 -4.16
C TRP A 16 -1.93 -1.92 -4.71
N ASP A 17 -1.98 -2.57 -5.85
CA ASP A 17 -3.25 -2.92 -6.49
C ASP A 17 -4.23 -3.48 -5.46
N LYS A 18 -3.71 -4.31 -4.56
CA LYS A 18 -4.54 -4.91 -3.52
C LYS A 18 -4.32 -4.22 -2.17
N TRP A 19 -3.21 -3.52 -2.05
CA TRP A 19 -2.88 -2.81 -0.81
C TRP A 19 -3.44 -1.39 -0.84
N CYS A 20 -4.30 -1.11 -1.81
CA CYS A 20 -4.90 0.20 -1.94
C CYS A 20 -3.83 1.26 -2.24
N ASN A 1 -5.90 -2.56 5.95
CA ASN A 1 -5.75 -1.15 6.32
C ASN A 1 -6.45 -0.25 5.32
N CYS A 2 -5.94 -0.23 4.09
CA CYS A 2 -6.53 0.60 3.04
C CYS A 2 -6.70 2.04 3.51
N ASP A 3 -5.83 2.46 4.41
CA ASP A 3 -5.88 3.82 4.95
C ASP A 3 -4.60 4.58 4.62
N TRP A 4 -3.72 3.94 3.87
CA TRP A 4 -2.45 4.55 3.49
C TRP A 4 -1.89 3.90 2.22
N ASP A 5 -1.11 4.67 1.47
CA ASP A 5 -0.51 4.18 0.23
C ASP A 5 0.76 4.95 -0.11
N LYS A 6 1.74 4.26 -0.70
CA LYS A 6 3.00 4.88 -1.07
C LYS A 6 3.56 5.69 0.09
N SER A 7 3.72 5.06 1.24
CA SER A 7 4.26 5.72 2.42
C SER A 7 4.32 4.77 3.60
N HIS A 8 3.39 3.82 3.65
CA HIS A 8 3.34 2.84 4.72
C HIS A 8 4.57 1.93 4.69
N GLU A 9 4.94 1.41 5.85
CA GLU A 9 6.11 0.53 5.95
C GLU A 9 5.84 -0.80 5.25
N LYS A 10 4.59 -1.22 5.26
CA LYS A 10 4.21 -2.48 4.62
C LYS A 10 3.68 -2.23 3.21
N TYR A 11 3.56 -0.97 2.84
CA TYR A 11 3.07 -0.59 1.52
C TYR A 11 3.93 -1.22 0.42
N ASP A 12 3.29 -1.58 -0.68
CA ASP A 12 3.98 -2.20 -1.81
C ASP A 12 3.67 -1.46 -3.11
N TRP A 13 4.72 -1.14 -3.88
CA TRP A 13 4.56 -0.44 -5.14
C TRP A 13 3.64 -1.22 -6.08
N GLU A 14 4.08 -2.40 -6.50
CA GLU A 14 3.31 -3.23 -7.40
C GLU A 14 2.08 -3.81 -6.69
N LEU A 15 2.31 -4.41 -5.53
CA LEU A 15 1.23 -5.01 -4.74
C LEU A 15 0.18 -3.97 -4.41
N TRP A 16 0.53 -2.70 -4.54
CA TRP A 16 -0.39 -1.60 -4.25
C TRP A 16 -1.78 -1.91 -4.81
N ASP A 17 -1.82 -2.57 -5.96
CA ASP A 17 -3.08 -2.92 -6.60
C ASP A 17 -4.07 -3.49 -5.57
N LYS A 18 -3.55 -4.31 -4.66
CA LYS A 18 -4.38 -4.92 -3.63
C LYS A 18 -4.17 -4.24 -2.29
N TRP A 19 -3.06 -3.53 -2.14
CA TRP A 19 -2.74 -2.83 -0.90
C TRP A 19 -3.30 -1.41 -0.93
N CYS A 20 -4.16 -1.14 -1.91
CA CYS A 20 -4.76 0.18 -2.05
C CYS A 20 -3.71 1.23 -2.36
N ASN A 1 -5.88 -2.55 5.97
CA ASN A 1 -5.73 -1.15 6.34
C ASN A 1 -6.44 -0.25 5.34
N CYS A 2 -5.94 -0.22 4.10
CA CYS A 2 -6.53 0.61 3.06
C CYS A 2 -6.69 2.05 3.53
N ASP A 3 -5.82 2.47 4.44
CA ASP A 3 -5.86 3.83 4.97
C ASP A 3 -4.57 4.58 4.65
N TRP A 4 -3.69 3.93 3.89
CA TRP A 4 -2.42 4.55 3.51
C TRP A 4 -1.87 3.91 2.24
N ASP A 5 -1.09 4.68 1.49
CA ASP A 5 -0.50 4.18 0.25
C ASP A 5 0.77 4.95 -0.09
N LYS A 6 1.74 4.26 -0.70
CA LYS A 6 3.01 4.87 -1.08
C LYS A 6 3.57 5.69 0.08
N SER A 7 3.74 5.04 1.24
CA SER A 7 4.27 5.72 2.41
C SER A 7 4.35 4.75 3.60
N HIS A 8 3.41 3.81 3.64
CA HIS A 8 3.36 2.83 4.72
C HIS A 8 4.59 1.92 4.68
N GLU A 9 4.97 1.40 5.85
CA GLU A 9 6.12 0.52 5.94
C GLU A 9 5.86 -0.81 5.24
N LYS A 10 4.61 -1.23 5.25
CA LYS A 10 4.21 -2.49 4.61
C LYS A 10 3.69 -2.24 3.20
N TYR A 11 3.57 -0.97 2.83
CA TYR A 11 3.08 -0.61 1.52
C TYR A 11 3.92 -1.23 0.42
N ASP A 12 3.28 -1.58 -0.70
CA ASP A 12 3.97 -2.19 -1.82
C ASP A 12 3.66 -1.46 -3.11
N TRP A 13 4.70 -1.15 -3.88
CA TRP A 13 4.54 -0.45 -5.15
C TRP A 13 3.61 -1.22 -6.08
N GLU A 14 4.06 -2.40 -6.51
CA GLU A 14 3.27 -3.23 -7.41
C GLU A 14 2.05 -3.81 -6.70
N LEU A 15 2.29 -4.41 -5.53
CA LEU A 15 1.21 -5.00 -4.75
C LEU A 15 0.15 -3.96 -4.40
N TRP A 16 0.51 -2.70 -4.54
CA TRP A 16 -0.41 -1.61 -4.24
C TRP A 16 -1.80 -1.90 -4.79
N ASP A 17 -1.85 -2.55 -5.94
CA ASP A 17 -3.11 -2.90 -6.58
C ASP A 17 -4.09 -3.48 -5.55
N LYS A 18 -3.57 -4.29 -4.64
CA LYS A 18 -4.39 -4.91 -3.61
C LYS A 18 -4.18 -4.22 -2.27
N TRP A 19 -3.06 -3.53 -2.13
CA TRP A 19 -2.75 -2.82 -0.90
C TRP A 19 -3.31 -1.40 -0.92
N CYS A 20 -4.17 -1.12 -1.90
CA CYS A 20 -4.77 0.19 -2.03
C CYS A 20 -3.72 1.24 -2.33
N ASN A 1 -5.94 -2.45 5.99
CA ASN A 1 -5.75 -1.05 6.36
C ASN A 1 -6.46 -0.13 5.37
N CYS A 2 -5.96 -0.11 4.14
CA CYS A 2 -6.54 0.73 3.09
C CYS A 2 -6.68 2.17 3.57
N ASP A 3 -5.80 2.58 4.47
CA ASP A 3 -5.83 3.93 5.01
C ASP A 3 -4.53 4.67 4.68
N TRP A 4 -3.66 4.01 3.93
CA TRP A 4 -2.37 4.60 3.55
C TRP A 4 -1.84 3.96 2.28
N ASP A 5 -1.04 4.72 1.53
CA ASP A 5 -0.46 4.21 0.29
C ASP A 5 0.82 4.97 -0.06
N LYS A 6 1.78 4.26 -0.65
CA LYS A 6 3.05 4.86 -1.04
C LYS A 6 3.63 5.67 0.12
N SER A 7 3.79 5.01 1.26
CA SER A 7 4.33 5.67 2.45
C SER A 7 4.39 4.70 3.63
N HIS A 8 3.44 3.78 3.67
CA HIS A 8 3.38 2.79 4.75
C HIS A 8 4.59 1.87 4.71
N GLU A 9 4.96 1.33 5.87
CA GLU A 9 6.11 0.44 5.97
C GLU A 9 5.83 -0.89 5.26
N LYS A 10 4.57 -1.29 5.26
CA LYS A 10 4.17 -2.54 4.62
C LYS A 10 3.64 -2.27 3.20
N TYR A 11 3.54 -1.01 2.85
CA TYR A 11 3.05 -0.62 1.53
C TYR A 11 3.90 -1.26 0.43
N ASP A 12 3.25 -1.60 -0.69
CA ASP A 12 3.94 -2.21 -1.81
C ASP A 12 3.64 -1.46 -3.10
N TRP A 13 4.69 -1.16 -3.87
CA TRP A 13 4.54 -0.45 -5.12
C TRP A 13 3.61 -1.20 -6.07
N GLU A 14 4.05 -2.38 -6.50
CA GLU A 14 3.24 -3.20 -7.41
C GLU A 14 2.03 -3.78 -6.70
N LEU A 15 2.25 -4.39 -5.55
CA LEU A 15 1.16 -4.98 -4.76
C LEU A 15 0.11 -3.94 -4.42
N TRP A 16 0.49 -2.67 -4.53
CA TRP A 16 -0.42 -1.57 -4.24
C TRP A 16 -1.81 -1.85 -4.78
N ASP A 17 -1.86 -2.50 -5.95
CA ASP A 17 -3.14 -2.83 -6.58
C ASP A 17 -4.12 -3.41 -5.57
N LYS A 18 -3.61 -4.26 -4.68
CA LYS A 18 -4.44 -4.88 -3.66
C LYS A 18 -4.23 -4.20 -2.31
N TRP A 19 -3.13 -3.49 -2.16
CA TRP A 19 -2.81 -2.80 -0.93
C TRP A 19 -3.35 -1.38 -0.94
N CYS A 20 -4.24 -1.09 -1.90
CA CYS A 20 -4.83 0.23 -2.02
C CYS A 20 -3.77 1.28 -2.37
N ASN A 1 -5.96 -2.50 5.90
CA ASN A 1 -5.79 -1.10 6.28
C ASN A 1 -6.49 -0.17 5.30
N CYS A 2 -5.99 -0.13 4.06
CA CYS A 2 -6.58 0.71 3.03
C CYS A 2 -6.72 2.15 3.52
N ASP A 3 -5.84 2.55 4.43
CA ASP A 3 -5.87 3.90 4.98
C ASP A 3 -4.58 4.65 4.67
N TRP A 4 -3.70 3.99 3.92
CA TRP A 4 -2.42 4.59 3.54
C TRP A 4 -1.87 3.94 2.28
N ASP A 5 -1.07 4.71 1.53
CA ASP A 5 -0.47 4.21 0.29
C ASP A 5 0.80 4.97 -0.04
N LYS A 6 1.76 4.27 -0.64
CA LYS A 6 3.03 4.88 -1.01
C LYS A 6 3.61 5.69 0.15
N SER A 7 3.76 5.03 1.30
CA SER A 7 4.30 5.70 2.49
C SER A 7 4.36 4.73 3.67
N HIS A 8 3.41 3.80 3.70
CA HIS A 8 3.35 2.81 4.77
C HIS A 8 4.56 1.90 4.74
N GLU A 9 4.93 1.36 5.91
CA GLU A 9 6.08 0.48 6.01
C GLU A 9 5.82 -0.85 5.29
N LYS A 10 4.55 -1.27 5.29
CA LYS A 10 4.16 -2.51 4.64
C LYS A 10 3.64 -2.26 3.24
N TYR A 11 3.54 -0.99 2.87
CA TYR A 11 3.06 -0.61 1.55
C TYR A 11 3.91 -1.24 0.46
N ASP A 12 3.28 -1.58 -0.65
CA ASP A 12 3.98 -2.19 -1.78
C ASP A 12 3.68 -1.44 -3.07
N TRP A 13 4.73 -1.14 -3.83
CA TRP A 13 4.58 -0.43 -5.09
C TRP A 13 3.66 -1.18 -6.04
N GLU A 14 4.10 -2.36 -6.47
CA GLU A 14 3.32 -3.19 -7.38
C GLU A 14 2.10 -3.77 -6.68
N LEU A 15 2.33 -4.38 -5.53
CA LEU A 15 1.25 -4.98 -4.75
C LEU A 15 0.18 -3.95 -4.41
N TRP A 16 0.55 -2.67 -4.53
CA TRP A 16 -0.37 -1.58 -4.23
C TRP A 16 -1.76 -1.87 -4.80
N ASP A 17 -1.80 -2.52 -5.95
CA ASP A 17 -3.06 -2.85 -6.60
C ASP A 17 -4.05 -3.44 -5.59
N LYS A 18 -3.54 -4.29 -4.70
CA LYS A 18 -4.37 -4.92 -3.68
C LYS A 18 -4.18 -4.25 -2.32
N TRP A 19 -3.08 -3.53 -2.18
CA TRP A 19 -2.78 -2.83 -0.93
C TRP A 19 -3.33 -1.41 -0.96
N CYS A 20 -4.21 -1.14 -1.92
CA CYS A 20 -4.81 0.19 -2.05
C CYS A 20 -3.76 1.24 -2.39
N ASN A 1 -5.95 -2.43 5.97
CA ASN A 1 -5.76 -1.04 6.34
C ASN A 1 -6.46 -0.11 5.36
N CYS A 2 -5.97 -0.08 4.12
CA CYS A 2 -6.54 0.75 3.07
C CYS A 2 -6.67 2.19 3.56
N ASP A 3 -5.79 2.60 4.46
CA ASP A 3 -5.81 3.96 5.00
C ASP A 3 -4.51 4.69 4.68
N TRP A 4 -3.63 4.03 3.93
CA TRP A 4 -2.36 4.62 3.54
C TRP A 4 -1.81 3.98 2.28
N ASP A 5 -1.02 4.73 1.52
CA ASP A 5 -0.43 4.23 0.29
C ASP A 5 0.85 4.99 -0.05
N LYS A 6 1.80 4.28 -0.64
CA LYS A 6 3.08 4.87 -1.02
C LYS A 6 3.68 5.67 0.14
N SER A 7 3.74 5.04 1.31
CA SER A 7 4.28 5.69 2.50
C SER A 7 4.35 4.72 3.67
N HIS A 8 3.40 3.79 3.71
CA HIS A 8 3.35 2.79 4.78
C HIS A 8 4.58 1.88 4.74
N GLU A 9 4.95 1.35 5.89
CA GLU A 9 6.11 0.47 5.98
C GLU A 9 5.85 -0.85 5.27
N LYS A 10 4.59 -1.28 5.27
CA LYS A 10 4.21 -2.53 4.62
C LYS A 10 3.69 -2.27 3.21
N TYR A 11 3.55 -0.99 2.86
CA TYR A 11 3.06 -0.62 1.54
C TYR A 11 3.90 -1.25 0.44
N ASP A 12 3.26 -1.59 -0.67
CA ASP A 12 3.95 -2.21 -1.80
C ASP A 12 3.66 -1.46 -3.09
N TRP A 13 4.71 -1.16 -3.85
CA TRP A 13 4.56 -0.44 -5.11
C TRP A 13 3.63 -1.19 -6.05
N GLU A 14 4.07 -2.38 -6.49
CA GLU A 14 3.26 -3.20 -7.40
C GLU A 14 2.04 -3.76 -6.69
N LEU A 15 2.27 -4.39 -5.53
CA LEU A 15 1.18 -4.97 -4.76
C LEU A 15 0.13 -3.93 -4.41
N TRP A 16 0.51 -2.66 -4.53
CA TRP A 16 -0.41 -1.56 -4.22
C TRP A 16 -1.80 -1.83 -4.78
N ASP A 17 -1.85 -2.49 -5.93
CA ASP A 17 -3.12 -2.82 -6.57
C ASP A 17 -4.10 -3.40 -5.56
N LYS A 18 -3.59 -4.24 -4.67
CA LYS A 18 -4.43 -4.86 -3.64
C LYS A 18 -4.22 -4.18 -2.29
N TRP A 19 -3.10 -3.48 -2.15
CA TRP A 19 -2.78 -2.79 -0.91
C TRP A 19 -3.32 -1.36 -0.92
N CYS A 20 -4.20 -1.08 -1.88
CA CYS A 20 -4.79 0.25 -2.01
C CYS A 20 -3.73 1.29 -2.34
N ASN A 1 -5.16 -1.71 4.92
CA ASN A 1 -3.96 -0.98 4.53
C ASN A 1 -4.28 0.03 3.42
N CYS A 2 -5.56 0.17 3.11
CA CYS A 2 -6.00 1.10 2.08
C CYS A 2 -6.03 2.53 2.61
N ASP A 3 -5.89 2.67 3.92
CA ASP A 3 -5.91 3.99 4.55
C ASP A 3 -4.61 4.73 4.28
N TRP A 4 -3.66 4.05 3.66
CA TRP A 4 -2.36 4.65 3.35
C TRP A 4 -1.78 4.06 2.07
N ASP A 5 -0.95 4.84 1.38
CA ASP A 5 -0.34 4.39 0.15
C ASP A 5 0.97 5.15 -0.11
N LYS A 6 1.96 4.44 -0.65
CA LYS A 6 3.25 5.04 -0.95
C LYS A 6 3.76 5.86 0.23
N SER A 7 3.87 5.22 1.39
CA SER A 7 4.34 5.90 2.59
C SER A 7 4.37 4.93 3.78
N HIS A 8 3.45 3.97 3.79
CA HIS A 8 3.38 2.98 4.86
C HIS A 8 4.59 2.06 4.82
N GLU A 9 4.97 1.54 5.99
CA GLU A 9 6.12 0.65 6.08
C GLU A 9 5.82 -0.69 5.40
N LYS A 10 4.56 -1.08 5.39
CA LYS A 10 4.14 -2.33 4.77
C LYS A 10 3.59 -2.08 3.36
N TYR A 11 3.51 -0.81 2.98
CA TYR A 11 3.00 -0.44 1.67
C TYR A 11 3.80 -1.12 0.56
N ASP A 12 3.10 -1.48 -0.52
CA ASP A 12 3.74 -2.14 -1.64
C ASP A 12 3.46 -1.40 -2.95
N TRP A 13 4.51 -1.14 -3.72
CA TRP A 13 4.36 -0.43 -4.99
C TRP A 13 3.34 -1.11 -5.89
N GLU A 14 3.68 -2.30 -6.36
CA GLU A 14 2.79 -3.06 -7.23
C GLU A 14 1.61 -3.63 -6.44
N LEU A 15 1.92 -4.33 -5.35
CA LEU A 15 0.90 -4.93 -4.51
C LEU A 15 -0.12 -3.89 -4.07
N TRP A 16 0.26 -2.61 -4.17
CA TRP A 16 -0.62 -1.52 -3.78
C TRP A 16 -2.06 -1.78 -4.24
N ASP A 17 -2.20 -2.38 -5.43
CA ASP A 17 -3.50 -2.68 -5.98
C ASP A 17 -4.31 -3.54 -5.01
N LYS A 18 -3.74 -4.68 -4.62
CA LYS A 18 -4.42 -5.59 -3.70
C LYS A 18 -4.28 -5.11 -2.26
N TRP A 19 -3.40 -4.13 -2.05
CA TRP A 19 -3.17 -3.58 -0.72
C TRP A 19 -4.04 -2.36 -0.48
N CYS A 20 -5.09 -2.22 -1.28
CA CYS A 20 -6.00 -1.09 -1.17
C CYS A 20 -7.17 -1.22 -2.14
N ASN A 1 -5.15 -1.71 4.97
CA ASN A 1 -3.95 -0.98 4.56
C ASN A 1 -4.28 0.03 3.45
N CYS A 2 -5.57 0.17 3.16
CA CYS A 2 -6.01 1.09 2.12
C CYS A 2 -6.04 2.53 2.64
N ASP A 3 -5.90 2.67 3.96
CA ASP A 3 -5.91 3.99 4.59
C ASP A 3 -4.60 4.74 4.30
N TRP A 4 -3.65 4.04 3.69
CA TRP A 4 -2.36 4.65 3.36
C TRP A 4 -1.79 4.05 2.09
N ASP A 5 -0.97 4.84 1.39
CA ASP A 5 -0.36 4.38 0.14
C ASP A 5 0.93 5.14 -0.12
N LYS A 6 1.93 4.43 -0.67
CA LYS A 6 3.22 5.03 -0.97
C LYS A 6 3.73 5.86 0.20
N SER A 7 3.85 5.23 1.36
CA SER A 7 4.32 5.90 2.56
C SER A 7 4.37 4.93 3.75
N HIS A 8 3.45 3.98 3.77
CA HIS A 8 3.39 3.00 4.84
C HIS A 8 4.60 2.06 4.80
N GLU A 9 4.99 1.55 5.96
CA GLU A 9 6.13 0.65 6.05
C GLU A 9 5.83 -0.67 5.37
N LYS A 10 4.57 -1.07 5.38
CA LYS A 10 4.15 -2.32 4.75
C LYS A 10 3.59 -2.08 3.35
N TYR A 11 3.51 -0.81 2.97
CA TYR A 11 2.99 -0.44 1.66
C TYR A 11 3.78 -1.13 0.55
N ASP A 12 3.08 -1.48 -0.52
CA ASP A 12 3.72 -2.15 -1.66
C ASP A 12 3.43 -1.40 -2.96
N TRP A 13 4.46 -1.15 -3.74
CA TRP A 13 4.32 -0.44 -5.01
C TRP A 13 3.29 -1.13 -5.89
N GLU A 14 3.63 -2.32 -6.38
CA GLU A 14 2.73 -3.08 -7.23
C GLU A 14 1.56 -3.65 -6.43
N LEU A 15 1.88 -4.34 -5.35
CA LEU A 15 0.85 -4.95 -4.50
C LEU A 15 -0.16 -3.90 -4.05
N TRP A 16 0.21 -2.63 -4.16
CA TRP A 16 -0.66 -1.54 -3.77
C TRP A 16 -2.10 -1.80 -4.23
N ASP A 17 -2.24 -2.39 -5.40
CA ASP A 17 -3.56 -2.71 -5.95
C ASP A 17 -4.36 -3.56 -4.98
N LYS A 18 -3.79 -4.70 -4.59
CA LYS A 18 -4.45 -5.60 -3.65
C LYS A 18 -4.30 -5.12 -2.22
N TRP A 19 -3.43 -4.15 -2.02
CA TRP A 19 -3.19 -3.60 -0.68
C TRP A 19 -4.06 -2.37 -0.44
N CYS A 20 -5.11 -2.23 -1.25
CA CYS A 20 -6.03 -1.10 -1.13
C CYS A 20 -7.19 -1.23 -2.09
N ASN A 1 -5.14 -1.70 4.96
CA ASN A 1 -3.94 -0.97 4.55
C ASN A 1 -4.26 0.03 3.45
N CYS A 2 -5.55 0.17 3.15
CA CYS A 2 -5.99 1.10 2.11
C CYS A 2 -6.03 2.52 2.64
N ASP A 3 -5.89 2.67 3.95
CA ASP A 3 -5.90 3.99 4.58
C ASP A 3 -4.60 4.74 4.30
N TRP A 4 -3.66 4.05 3.69
CA TRP A 4 -2.36 4.65 3.36
C TRP A 4 -1.79 4.06 2.08
N ASP A 5 -0.96 4.84 1.39
CA ASP A 5 -0.35 4.39 0.14
C ASP A 5 0.95 5.15 -0.13
N LYS A 6 1.93 4.45 -0.66
CA LYS A 6 3.23 5.05 -0.97
C LYS A 6 3.73 5.89 0.21
N SER A 7 3.85 5.25 1.37
CA SER A 7 4.32 5.92 2.56
C SER A 7 4.37 4.97 3.75
N HIS A 8 3.45 4.01 3.77
CA HIS A 8 3.39 3.02 4.85
C HIS A 8 4.61 2.10 4.81
N GLU A 9 4.99 1.58 5.97
CA GLU A 9 6.14 0.69 6.07
C GLU A 9 5.85 -0.64 5.38
N LYS A 10 4.58 -1.04 5.39
CA LYS A 10 4.17 -2.28 4.77
C LYS A 10 3.61 -2.05 3.37
N TYR A 11 3.53 -0.78 2.98
CA TYR A 11 3.01 -0.42 1.67
C TYR A 11 3.80 -1.10 0.56
N ASP A 12 3.11 -1.46 -0.52
CA ASP A 12 3.75 -2.13 -1.64
C ASP A 12 3.46 -1.38 -2.95
N TRP A 13 4.50 -1.12 -3.73
CA TRP A 13 4.35 -0.41 -5.00
C TRP A 13 3.32 -1.10 -5.88
N GLU A 14 3.67 -2.30 -6.36
CA GLU A 14 2.77 -3.06 -7.22
C GLU A 14 1.60 -3.64 -6.42
N LEU A 15 1.92 -4.33 -5.33
CA LEU A 15 0.90 -4.94 -4.48
C LEU A 15 -0.12 -3.90 -4.04
N TRP A 16 0.25 -2.62 -4.15
CA TRP A 16 -0.64 -1.54 -3.76
C TRP A 16 -2.06 -1.80 -4.22
N ASP A 17 -2.20 -2.40 -5.39
CA ASP A 17 -3.52 -2.71 -5.95
C ASP A 17 -4.31 -3.57 -4.98
N LYS A 18 -3.74 -4.70 -4.58
CA LYS A 18 -4.40 -5.61 -3.66
C LYS A 18 -4.26 -5.13 -2.21
N TRP A 19 -3.38 -4.15 -2.01
CA TRP A 19 -3.16 -3.59 -0.68
C TRP A 19 -4.03 -2.36 -0.45
N CYS A 20 -5.09 -2.24 -1.24
CA CYS A 20 -5.99 -1.11 -1.13
C CYS A 20 -7.17 -1.25 -2.09
N ASN A 1 -5.16 -1.70 4.95
CA ASN A 1 -3.96 -0.98 4.55
C ASN A 1 -4.28 0.02 3.44
N CYS A 2 -5.57 0.17 3.13
CA CYS A 2 -6.00 1.09 2.09
C CYS A 2 -6.04 2.52 2.62
N ASP A 3 -5.90 2.67 3.93
CA ASP A 3 -5.92 3.99 4.55
C ASP A 3 -4.61 4.74 4.28
N TRP A 4 -3.66 4.05 3.66
CA TRP A 4 -2.36 4.64 3.35
C TRP A 4 -1.79 4.04 2.06
N ASP A 5 -0.97 4.83 1.38
CA ASP A 5 -0.35 4.38 0.13
C ASP A 5 0.94 5.13 -0.13
N LYS A 6 1.93 4.42 -0.67
CA LYS A 6 3.23 5.03 -0.97
C LYS A 6 3.73 5.86 0.20
N SER A 7 3.85 5.22 1.37
CA SER A 7 4.32 5.91 2.57
C SER A 7 4.36 4.95 3.76
N HIS A 8 3.44 3.99 3.77
CA HIS A 8 3.37 3.01 4.85
C HIS A 8 4.59 2.08 4.81
N GLU A 9 4.98 1.57 5.97
CA GLU A 9 6.12 0.68 6.08
C GLU A 9 5.83 -0.66 5.39
N LYS A 10 4.55 -1.05 5.40
CA LYS A 10 4.15 -2.31 4.78
C LYS A 10 3.59 -2.06 3.38
N TYR A 11 3.51 -0.80 2.99
CA TYR A 11 2.99 -0.43 1.68
C TYR A 11 3.79 -1.12 0.57
N ASP A 12 3.10 -1.49 -0.51
CA ASP A 12 3.74 -2.15 -1.64
C ASP A 12 3.45 -1.41 -2.93
N TRP A 13 4.49 -1.15 -3.71
CA TRP A 13 4.35 -0.45 -4.98
C TRP A 13 3.33 -1.14 -5.88
N GLU A 14 3.66 -2.33 -6.35
CA GLU A 14 2.77 -3.10 -7.21
C GLU A 14 1.60 -3.67 -6.42
N LEU A 15 1.92 -4.36 -5.33
CA LEU A 15 0.89 -4.96 -4.48
C LEU A 15 -0.13 -3.91 -4.04
N TRP A 16 0.25 -2.65 -4.15
CA TRP A 16 -0.63 -1.55 -3.76
C TRP A 16 -2.07 -1.82 -4.22
N ASP A 17 -2.21 -2.42 -5.41
CA ASP A 17 -3.51 -2.73 -5.95
C ASP A 17 -4.32 -3.59 -4.98
N LYS A 18 -3.75 -4.71 -4.58
CA LYS A 18 -4.42 -5.63 -3.66
C LYS A 18 -4.28 -5.14 -2.23
N TRP A 19 -3.40 -4.16 -2.01
CA TRP A 19 -3.17 -3.61 -0.69
C TRP A 19 -4.05 -2.38 -0.45
N CYS A 20 -5.10 -2.25 -1.26
CA CYS A 20 -6.01 -1.11 -1.14
C CYS A 20 -7.17 -1.26 -2.11
N ASN A 1 -5.14 -1.69 4.97
CA ASN A 1 -3.94 -0.97 4.56
C ASN A 1 -4.26 0.03 3.45
N CYS A 2 -5.54 0.18 3.15
CA CYS A 2 -5.99 1.10 2.11
C CYS A 2 -6.03 2.53 2.64
N ASP A 3 -5.88 2.68 3.95
CA ASP A 3 -5.90 4.00 4.58
C ASP A 3 -4.60 4.74 4.30
N TRP A 4 -3.64 4.05 3.69
CA TRP A 4 -2.35 4.66 3.36
C TRP A 4 -1.77 4.06 2.08
N ASP A 5 -0.96 4.84 1.39
CA ASP A 5 -0.34 4.39 0.15
C ASP A 5 0.95 5.15 -0.12
N LYS A 6 1.94 4.45 -0.66
CA LYS A 6 3.24 5.05 -0.97
C LYS A 6 3.74 5.87 0.22
N SER A 7 3.86 5.24 1.37
CA SER A 7 4.33 5.92 2.58
C SER A 7 4.38 4.95 3.75
N HIS A 8 3.46 4.00 3.77
CA HIS A 8 3.39 3.02 4.85
C HIS A 8 4.61 2.09 4.80
N GLU A 9 5.00 1.58 5.97
CA GLU A 9 6.14 0.69 6.08
C GLU A 9 5.85 -0.65 5.38
N LYS A 10 4.59 -1.05 5.39
CA LYS A 10 4.17 -2.30 4.77
C LYS A 10 3.61 -2.06 3.36
N TYR A 11 3.53 -0.78 2.98
CA TYR A 11 3.01 -0.42 1.67
C TYR A 11 3.80 -1.10 0.56
N ASP A 12 3.11 -1.46 -0.52
CA ASP A 12 3.75 -2.13 -1.64
C ASP A 12 3.45 -1.39 -2.94
N TRP A 13 4.49 -1.12 -3.72
CA TRP A 13 4.34 -0.43 -4.99
C TRP A 13 3.31 -1.11 -5.88
N GLU A 14 3.66 -2.31 -6.36
CA GLU A 14 2.76 -3.07 -7.22
C GLU A 14 1.59 -3.64 -6.42
N LEU A 15 1.91 -4.34 -5.34
CA LEU A 15 0.89 -4.93 -4.48
C LEU A 15 -0.13 -3.89 -4.04
N TRP A 16 0.24 -2.63 -4.14
CA TRP A 16 -0.64 -1.52 -3.76
C TRP A 16 -2.07 -1.80 -4.22
N ASP A 17 -2.20 -2.40 -5.39
CA ASP A 17 -3.51 -2.70 -5.95
C ASP A 17 -4.32 -3.56 -4.98
N LYS A 18 -3.75 -4.69 -4.58
CA LYS A 18 -4.41 -5.61 -3.66
C LYS A 18 -4.27 -5.12 -2.21
N TRP A 19 -3.39 -4.14 -2.01
CA TRP A 19 -3.16 -3.59 -0.68
C TRP A 19 -4.03 -2.36 -0.45
N CYS A 20 -5.09 -2.22 -1.24
CA CYS A 20 -6.00 -1.10 -1.12
C CYS A 20 -7.17 -1.24 -2.09
N ASN A 1 -5.14 -1.73 4.97
CA ASN A 1 -3.94 -1.00 4.57
C ASN A 1 -4.28 0.00 3.46
N CYS A 2 -5.56 0.14 3.17
CA CYS A 2 -6.01 1.06 2.13
C CYS A 2 -6.04 2.50 2.65
N ASP A 3 -5.90 2.64 3.97
CA ASP A 3 -5.92 3.96 4.60
C ASP A 3 -4.62 4.72 4.31
N TRP A 4 -3.66 4.03 3.69
CA TRP A 4 -2.38 4.63 3.36
C TRP A 4 -1.81 4.04 2.08
N ASP A 5 -1.00 4.82 1.38
CA ASP A 5 -0.39 4.37 0.13
C ASP A 5 0.90 5.13 -0.14
N LYS A 6 1.90 4.43 -0.68
CA LYS A 6 3.18 5.03 -0.99
C LYS A 6 3.69 5.86 0.18
N SER A 7 3.82 5.23 1.34
CA SER A 7 4.29 5.92 2.54
C SER A 7 4.35 4.95 3.72
N HIS A 8 3.43 3.99 3.75
CA HIS A 8 3.38 3.01 4.82
C HIS A 8 4.60 2.09 4.78
N GLU A 9 4.98 1.58 5.94
CA GLU A 9 6.14 0.68 6.03
C GLU A 9 5.85 -0.65 5.35
N LYS A 10 4.58 -1.05 5.35
CA LYS A 10 4.17 -2.31 4.74
C LYS A 10 3.61 -2.06 3.34
N TYR A 11 3.51 -0.79 2.96
CA TYR A 11 2.98 -0.43 1.65
C TYR A 11 3.77 -1.12 0.54
N ASP A 12 3.08 -1.48 -0.54
CA ASP A 12 3.71 -2.14 -1.67
C ASP A 12 3.41 -1.40 -2.96
N TRP A 13 4.44 -1.14 -3.75
CA TRP A 13 4.29 -0.43 -5.03
C TRP A 13 3.26 -1.13 -5.91
N GLU A 14 3.61 -2.33 -6.38
CA GLU A 14 2.71 -3.08 -7.24
C GLU A 14 1.55 -3.66 -6.44
N LEU A 15 1.87 -4.35 -5.35
CA LEU A 15 0.86 -4.96 -4.50
C LEU A 15 -0.16 -3.91 -4.05
N TRP A 16 0.20 -2.64 -4.16
CA TRP A 16 -0.68 -1.55 -3.76
C TRP A 16 -2.11 -1.83 -4.21
N ASP A 17 -2.25 -2.42 -5.40
CA ASP A 17 -3.57 -2.74 -5.94
C ASP A 17 -4.37 -3.60 -4.97
N LYS A 18 -3.79 -4.73 -4.56
CA LYS A 18 -4.44 -5.64 -3.64
C LYS A 18 -4.29 -5.15 -2.20
N TRP A 19 -3.42 -4.17 -2.00
CA TRP A 19 -3.18 -3.62 -0.67
C TRP A 19 -4.06 -2.39 -0.44
N CYS A 20 -5.11 -2.26 -1.23
CA CYS A 20 -6.03 -1.13 -1.11
C CYS A 20 -7.20 -1.27 -2.07
N ASN A 1 -5.14 -1.73 4.96
CA ASN A 1 -3.95 -0.99 4.56
C ASN A 1 -4.28 0.00 3.46
N CYS A 2 -5.56 0.15 3.16
CA CYS A 2 -6.01 1.07 2.12
C CYS A 2 -6.05 2.51 2.64
N ASP A 3 -5.89 2.65 3.95
CA ASP A 3 -5.91 3.97 4.58
C ASP A 3 -4.62 4.72 4.30
N TRP A 4 -3.66 4.03 3.68
CA TRP A 4 -2.38 4.63 3.34
C TRP A 4 -1.81 4.04 2.07
N ASP A 5 -0.99 4.82 1.37
CA ASP A 5 -0.38 4.37 0.12
C ASP A 5 0.91 5.13 -0.15
N LYS A 6 1.90 4.43 -0.70
CA LYS A 6 3.19 5.04 -1.01
C LYS A 6 3.70 5.87 0.16
N SER A 7 3.82 5.24 1.33
CA SER A 7 4.29 5.92 2.53
C SER A 7 4.36 4.96 3.71
N HIS A 8 3.43 4.00 3.74
CA HIS A 8 3.38 3.01 4.81
C HIS A 8 4.61 2.10 4.76
N GLU A 9 4.99 1.58 5.93
CA GLU A 9 6.14 0.69 6.02
C GLU A 9 5.86 -0.64 5.34
N LYS A 10 4.59 -1.04 5.36
CA LYS A 10 4.18 -2.30 4.73
C LYS A 10 3.61 -2.05 3.34
N TYR A 11 3.51 -0.79 2.95
CA TYR A 11 2.99 -0.43 1.64
C TYR A 11 3.78 -1.11 0.53
N ASP A 12 3.09 -1.48 -0.53
CA ASP A 12 3.71 -2.14 -1.67
C ASP A 12 3.42 -1.40 -2.97
N TRP A 13 4.45 -1.14 -3.76
CA TRP A 13 4.30 -0.44 -5.02
C TRP A 13 3.26 -1.14 -5.91
N GLU A 14 3.62 -2.33 -6.39
CA GLU A 14 2.71 -3.10 -7.24
C GLU A 14 1.55 -3.67 -6.44
N LEU A 15 1.87 -4.37 -5.35
CA LEU A 15 0.86 -4.97 -4.50
C LEU A 15 -0.16 -3.91 -4.05
N TRP A 16 0.20 -2.66 -4.16
CA TRP A 16 -0.68 -1.55 -3.77
C TRP A 16 -2.11 -1.84 -4.21
N ASP A 17 -2.25 -2.43 -5.40
CA ASP A 17 -3.57 -2.75 -5.94
C ASP A 17 -4.36 -3.61 -4.96
N LYS A 18 -3.79 -4.74 -4.56
CA LYS A 18 -4.44 -5.65 -3.63
C LYS A 18 -4.29 -5.15 -2.20
N TRP A 19 -3.41 -4.18 -2.00
CA TRP A 19 -3.18 -3.62 -0.67
C TRP A 19 -4.06 -2.39 -0.44
N CYS A 20 -5.11 -2.26 -1.23
CA CYS A 20 -6.03 -1.13 -1.11
C CYS A 20 -7.20 -1.28 -2.07
#